data_3UPS
#
_entry.id   3UPS
#
_cell.length_a   75.397
_cell.length_b   75.397
_cell.length_c   66.916
_cell.angle_alpha   90.000
_cell.angle_beta   90.000
_cell.angle_gamma   120.000
#
_symmetry.space_group_name_H-M   'P 31 2 1'
#
loop_
_entity.id
_entity.type
_entity.pdbx_description
1 polymer 'Iojap-like protein'
2 water water
#
_entity_poly.entity_id   1
_entity_poly.type   'polypeptide(L)'
_entity_poly.pdbx_seq_one_letter_code
;SNA(MSE)PAPSSPRKNQTSFDPE(MSE)LLKLVTDSLDDDQALEIATIPLAGKSSIADY(MSE)VIASGRSSRQVTA
(MSE)AQKLADRIKAATGYVSKIEGLPAADWVLLDAGDIIIHLFRPEVRSFYNLER(MSE)WGFGDESDQPVSQSVLS
;
_entity_poly.pdbx_strand_id   A
#
# COMPACT_ATOMS: atom_id res chain seq x y z
N PHE A 17 16.16 8.84 8.48
CA PHE A 17 14.81 9.32 8.07
C PHE A 17 13.78 8.82 9.09
N ASP A 18 13.26 9.79 9.81
CA ASP A 18 12.24 9.70 10.81
C ASP A 18 10.97 8.93 10.35
N PRO A 19 10.46 7.95 11.15
CA PRO A 19 9.24 7.22 10.68
C PRO A 19 7.98 8.13 10.55
N GLU A 20 7.89 9.19 11.36
CA GLU A 20 6.79 10.18 11.20
C GLU A 20 6.90 10.96 9.90
N LEU A 22 8.40 9.68 7.22
CA LEU A 22 8.02 8.66 6.22
C LEU A 22 6.51 8.55 6.13
N LEU A 23 5.83 8.59 7.28
CA LEU A 23 4.35 8.48 7.30
C LEU A 23 3.71 9.63 6.54
N LYS A 24 4.21 10.84 6.79
CA LYS A 24 3.76 12.03 6.09
C LYS A 24 3.97 11.88 4.56
N LEU A 25 5.16 11.43 4.15
CA LEU A 25 5.42 11.19 2.72
C LEU A 25 4.34 10.23 2.13
N VAL A 26 4.15 9.10 2.80
CA VAL A 26 3.24 8.05 2.34
C VAL A 26 1.81 8.60 2.19
N THR A 27 1.27 9.20 3.25
CA THR A 27 -0.11 9.69 3.19
C THR A 27 -0.26 10.86 2.23
N ASP A 28 0.74 11.75 2.18
CA ASP A 28 0.70 12.87 1.22
C ASP A 28 0.70 12.37 -0.22
N SER A 29 1.50 11.34 -0.48
CA SER A 29 1.63 10.80 -1.84
C SER A 29 0.31 10.13 -2.24
N LEU A 30 -0.22 9.30 -1.35
CA LEU A 30 -1.50 8.62 -1.63
C LEU A 30 -2.66 9.62 -1.80
N ASP A 31 -2.69 10.63 -0.95
CA ASP A 31 -3.68 11.70 -1.09
C ASP A 31 -3.53 12.40 -2.45
N ASP A 32 -2.29 12.68 -2.84
CA ASP A 32 -2.06 13.41 -4.10
C ASP A 32 -2.54 12.58 -5.31
N ASP A 33 -2.42 11.26 -5.17
CA ASP A 33 -2.79 10.33 -6.25
C ASP A 33 -4.23 9.85 -6.11
N GLN A 34 -4.97 10.57 -5.25
CA GLN A 34 -6.44 10.43 -5.09
C GLN A 34 -6.89 9.06 -4.57
N ALA A 35 -6.05 8.43 -3.75
CA ALA A 35 -6.46 7.23 -3.00
C ALA A 35 -7.64 7.59 -2.10
N LEU A 36 -8.47 6.59 -1.79
CA LEU A 36 -9.58 6.79 -0.83
C LEU A 36 -9.33 5.99 0.43
N GLU A 37 -10.05 6.34 1.48
CA GLU A 37 -10.04 5.58 2.73
C GLU A 37 -8.61 5.31 3.23
N ILE A 38 -7.77 6.35 3.27
CA ILE A 38 -6.38 6.20 3.69
C ILE A 38 -6.35 6.06 5.20
N ALA A 39 -6.06 4.85 5.66
CA ALA A 39 -6.06 4.51 7.12
C ALA A 39 -4.63 4.41 7.60
N THR A 40 -4.36 5.01 8.78
CA THR A 40 -3.05 4.87 9.41
C THR A 40 -3.24 4.08 10.70
N ILE A 41 -2.47 2.99 10.82
CA ILE A 41 -2.48 2.12 11.99
C ILE A 41 -1.12 2.22 12.71
N PRO A 42 -1.07 2.89 13.89
CA PRO A 42 0.20 2.88 14.63
C PRO A 42 0.45 1.52 15.25
N LEU A 43 1.68 1.03 15.16
CA LEU A 43 2.01 -0.29 15.72
C LEU A 43 2.85 -0.30 17.01
N ALA A 44 3.21 0.88 17.52
CA ALA A 44 3.95 0.99 18.77
C ALA A 44 3.23 0.19 19.87
N GLY A 45 3.97 -0.66 20.58
CA GLY A 45 3.40 -1.45 21.67
C GLY A 45 2.53 -2.60 21.20
N LYS A 46 2.42 -2.80 19.89
CA LYS A 46 1.59 -3.89 19.32
C LYS A 46 2.42 -4.88 18.52
N SER A 47 3.19 -4.38 17.55
CA SER A 47 4.03 -5.24 16.71
C SER A 47 5.33 -4.54 16.37
N SER A 48 6.37 -5.36 16.21
CA SER A 48 7.72 -4.93 15.84
C SER A 48 7.92 -4.91 14.33
N ILE A 49 6.92 -5.32 13.56
CA ILE A 49 7.09 -5.42 12.09
C ILE A 49 7.39 -4.06 11.45
N ALA A 50 6.84 -2.99 12.02
CA ALA A 50 6.91 -1.65 11.40
C ALA A 50 6.39 -0.67 12.42
N ASP A 51 6.59 0.63 12.16
CA ASP A 51 6.04 1.66 13.04
C ASP A 51 4.59 1.92 12.70
N TYR A 52 4.26 1.84 11.41
CA TYR A 52 2.86 2.06 10.93
C TYR A 52 2.51 1.13 9.82
N VAL A 54 -0.24 1.43 6.63
CA VAL A 54 -1.16 2.34 5.95
C VAL A 54 -1.94 1.46 4.97
N ILE A 55 -3.25 1.70 4.87
CA ILE A 55 -4.10 0.95 3.95
C ILE A 55 -4.90 1.99 3.18
N ALA A 56 -5.05 1.80 1.85
CA ALA A 56 -5.86 2.73 1.05
C ALA A 56 -6.41 2.01 -0.16
N SER A 57 -7.48 2.58 -0.72
CA SER A 57 -8.11 2.03 -1.93
C SER A 57 -7.80 2.85 -3.16
N GLY A 58 -7.79 2.19 -4.31
CA GLY A 58 -7.79 2.88 -5.62
C GLY A 58 -8.98 2.43 -6.46
N ARG A 59 -9.32 3.17 -7.50
CA ARG A 59 -10.56 2.92 -8.27
C ARG A 59 -10.41 2.10 -9.56
N SER A 60 -9.17 1.79 -9.91
CA SER A 60 -8.84 1.07 -11.14
C SER A 60 -7.45 0.47 -11.02
N SER A 61 -7.14 -0.40 -11.97
CA SER A 61 -5.81 -1.00 -12.08
C SER A 61 -4.69 0.00 -12.47
N ARG A 62 -4.97 0.90 -13.42
CA ARG A 62 -4.05 1.99 -13.77
C ARG A 62 -3.75 2.80 -12.49
N GLN A 63 -4.80 3.16 -11.74
CA GLN A 63 -4.64 4.03 -10.55
C GLN A 63 -3.84 3.39 -9.41
N VAL A 64 -4.19 2.15 -9.05
CA VAL A 64 -3.45 1.41 -8.03
C VAL A 64 -1.95 1.27 -8.41
N THR A 65 -1.71 0.99 -9.69
CA THR A 65 -0.34 0.85 -10.23
C THR A 65 0.45 2.17 -10.19
N ALA A 66 -0.18 3.24 -10.68
CA ALA A 66 0.45 4.56 -10.62
C ALA A 66 0.75 4.95 -9.17
N ALA A 68 1.17 3.02 -6.37
CA ALA A 68 2.22 2.20 -5.79
C ALA A 68 3.60 2.57 -6.35
N GLN A 69 3.68 2.71 -7.67
CA GLN A 69 4.97 2.98 -8.32
C GLN A 69 5.50 4.36 -7.95
N LYS A 70 4.62 5.37 -7.99
CA LYS A 70 5.03 6.71 -7.58
C LYS A 70 5.46 6.74 -6.13
N LEU A 71 4.74 6.01 -5.26
CA LEU A 71 5.12 5.98 -3.86
C LEU A 71 6.52 5.36 -3.70
N ALA A 72 6.76 4.23 -4.37
CA ALA A 72 8.10 3.59 -4.29
C ALA A 72 9.18 4.58 -4.80
N ASP A 73 8.92 5.25 -5.94
CA ASP A 73 9.89 6.20 -6.49
C ASP A 73 10.14 7.34 -5.53
N ARG A 74 9.06 7.83 -4.91
CA ARG A 74 9.17 8.99 -3.97
C ARG A 74 9.94 8.61 -2.71
N ILE A 75 9.67 7.42 -2.19
CA ILE A 75 10.40 6.95 -1.01
C ILE A 75 11.87 6.84 -1.35
N LYS A 76 12.18 6.28 -2.51
CA LYS A 76 13.58 6.15 -2.88
C LYS A 76 14.23 7.53 -3.05
N ALA A 77 13.53 8.46 -3.72
CA ALA A 77 14.07 9.82 -3.91
C ALA A 77 14.33 10.55 -2.60
N ALA A 78 13.43 10.38 -1.64
CA ALA A 78 13.50 11.14 -0.37
C ALA A 78 14.43 10.52 0.65
N THR A 79 14.58 9.19 0.58
CA THR A 79 15.27 8.45 1.67
C THR A 79 16.38 7.53 1.22
N GLY A 80 16.40 7.21 -0.07
CA GLY A 80 17.33 6.17 -0.57
C GLY A 80 16.82 4.74 -0.42
N TYR A 81 15.74 4.54 0.35
CA TYR A 81 15.22 3.19 0.64
C TYR A 81 14.58 2.60 -0.60
N VAL A 82 14.93 1.35 -0.94
CA VAL A 82 14.36 0.68 -2.13
C VAL A 82 13.24 -0.24 -1.62
N SER A 83 11.98 0.17 -1.80
CA SER A 83 10.85 -0.56 -1.23
C SER A 83 10.61 -1.86 -2.01
N LYS A 84 10.09 -2.87 -1.32
CA LYS A 84 9.74 -4.13 -1.95
C LYS A 84 8.28 -4.05 -2.32
N ILE A 85 7.97 -4.31 -3.59
CA ILE A 85 6.58 -4.28 -4.05
C ILE A 85 6.09 -5.69 -4.32
N GLU A 86 4.93 -6.03 -3.76
CA GLU A 86 4.32 -7.34 -4.03
C GLU A 86 2.97 -7.08 -4.73
N GLY A 87 2.70 -7.83 -5.81
CA GLY A 87 1.43 -7.77 -6.57
C GLY A 87 1.30 -6.98 -7.88
N LEU A 88 2.40 -6.52 -8.50
CA LEU A 88 2.38 -5.93 -9.87
C LEU A 88 2.89 -6.98 -10.87
N PRO A 89 2.58 -6.86 -12.20
CA PRO A 89 1.72 -5.92 -12.93
C PRO A 89 0.21 -6.15 -12.76
N ALA A 90 -0.21 -7.38 -12.44
CA ALA A 90 -1.63 -7.69 -12.20
C ALA A 90 -2.10 -7.05 -10.88
N ALA A 91 -2.56 -5.78 -10.97
CA ALA A 91 -2.71 -4.90 -9.79
C ALA A 91 -4.13 -4.77 -9.16
N ASP A 92 -4.68 -5.89 -8.71
CA ASP A 92 -5.91 -5.98 -7.88
C ASP A 92 -5.64 -5.57 -6.44
N TRP A 93 -4.36 -5.73 -6.04
CA TRP A 93 -3.85 -5.27 -4.84
C TRP A 93 -2.37 -4.97 -5.04
N VAL A 94 -1.78 -4.23 -4.13
CA VAL A 94 -0.34 -4.01 -4.05
C VAL A 94 0.00 -3.93 -2.57
N LEU A 95 1.11 -4.54 -2.21
CA LEU A 95 1.75 -4.28 -0.93
C LEU A 95 3.10 -3.61 -1.22
N LEU A 96 3.37 -2.51 -0.51
N LEU A 96 3.35 -2.46 -0.58
CA LEU A 96 4.66 -1.86 -0.61
CA LEU A 96 4.69 -1.87 -0.59
C LEU A 96 5.31 -1.90 0.77
C LEU A 96 5.26 -1.99 0.81
N ASP A 97 6.43 -2.61 0.88
CA ASP A 97 7.12 -2.76 2.16
C ASP A 97 8.23 -1.73 2.16
N ALA A 98 8.01 -0.66 2.93
CA ALA A 98 8.98 0.42 3.07
C ALA A 98 9.74 0.30 4.41
N GLY A 99 9.75 -0.89 5.05
CA GLY A 99 10.54 -1.13 6.28
C GLY A 99 9.80 -0.63 7.51
N ASP A 100 9.94 0.66 7.83
CA ASP A 100 9.25 1.27 8.98
C ASP A 100 7.76 1.44 8.73
N ILE A 101 7.35 1.36 7.46
CA ILE A 101 5.92 1.44 7.11
C ILE A 101 5.61 0.38 6.04
N ILE A 102 4.51 -0.33 6.24
CA ILE A 102 4.01 -1.27 5.22
C ILE A 102 2.69 -0.68 4.71
N ILE A 103 2.56 -0.63 3.38
CA ILE A 103 1.40 0.00 2.75
C ILE A 103 0.64 -1.07 1.96
N HIS A 104 -0.66 -1.20 2.27
N HIS A 104 -0.67 -1.20 2.22
CA HIS A 104 -1.58 -2.09 1.59
CA HIS A 104 -1.49 -2.15 1.48
C HIS A 104 -2.43 -1.22 0.69
C HIS A 104 -2.53 -1.39 0.71
N LEU A 105 -2.50 -1.56 -0.61
CA LEU A 105 -3.41 -0.88 -1.53
C LEU A 105 -4.34 -1.92 -2.12
N PHE A 106 -5.62 -1.58 -2.29
CA PHE A 106 -6.58 -2.56 -2.83
C PHE A 106 -7.65 -1.87 -3.67
N ARG A 107 -8.22 -2.62 -4.60
CA ARG A 107 -9.37 -2.19 -5.39
C ARG A 107 -10.60 -2.83 -4.75
N PRO A 108 -11.50 -2.03 -4.15
CA PRO A 108 -12.57 -2.63 -3.35
C PRO A 108 -13.45 -3.61 -4.12
N GLU A 109 -13.87 -3.26 -5.35
CA GLU A 109 -14.80 -4.15 -6.07
C GLU A 109 -14.09 -5.45 -6.53
N VAL A 110 -12.81 -5.35 -6.89
CA VAL A 110 -12.02 -6.54 -7.25
C VAL A 110 -11.81 -7.43 -6.01
N ARG A 111 -11.43 -6.82 -4.88
CA ARG A 111 -11.23 -7.59 -3.67
C ARG A 111 -12.49 -8.31 -3.23
N SER A 112 -13.63 -7.60 -3.23
CA SER A 112 -14.92 -8.26 -2.80
C SER A 112 -15.24 -9.47 -3.68
N PHE A 113 -15.00 -9.30 -4.99
CA PHE A 113 -15.22 -10.40 -5.95
C PHE A 113 -14.29 -11.59 -5.69
N TYR A 114 -12.99 -11.33 -5.60
CA TYR A 114 -12.03 -12.41 -5.36
C TYR A 114 -12.29 -13.09 -4.03
N ASN A 115 -12.70 -12.32 -3.02
CA ASN A 115 -13.01 -12.89 -1.69
C ASN A 115 -14.19 -13.84 -1.78
N LEU A 116 -15.19 -13.47 -2.57
CA LEU A 116 -16.31 -14.40 -2.82
C LEU A 116 -15.83 -15.70 -3.44
N GLU A 117 -15.00 -15.61 -4.49
CA GLU A 117 -14.53 -16.85 -5.15
C GLU A 117 -13.78 -17.75 -4.17
N ARG A 118 -12.94 -17.15 -3.31
CA ARG A 118 -12.21 -17.93 -2.32
C ARG A 118 -13.16 -18.50 -1.27
N TRP A 120 -16.16 -19.45 -1.87
CA TRP A 120 -16.78 -20.57 -2.58
C TRP A 120 -15.85 -21.74 -2.76
N GLY A 121 -14.59 -21.57 -2.37
CA GLY A 121 -13.64 -22.70 -2.36
C GLY A 121 -12.89 -22.82 -3.67
N PHE A 122 -12.92 -21.77 -4.50
CA PHE A 122 -12.22 -21.84 -5.80
C PHE A 122 -10.71 -21.80 -5.62
N GLY A 123 -10.02 -22.53 -6.49
CA GLY A 123 -8.56 -22.37 -6.63
C GLY A 123 -7.76 -23.24 -5.69
N ASP A 124 -8.37 -24.37 -5.29
CA ASP A 124 -7.76 -25.47 -4.50
C ASP A 124 -8.53 -25.67 -3.19
#